data_8W97
#
_entry.id   8W97
#
_cell.length_a   93.948
_cell.length_b   93.948
_cell.length_c   70.845
_cell.angle_alpha   90.000
_cell.angle_beta   90.000
_cell.angle_gamma   120.000
#
_symmetry.space_group_name_H-M   'P 31 2 1'
#
_entity_poly.entity_id   1
_entity_poly.type   'polypeptide(L)'
_entity_poly.pdbx_seq_one_letter_code
;IKVVIEGKAEDLLEEMEKIKESLSKFPEEKLKELEKKGYKATIVVKEDGTITVYNELTKEKHTLKKGKVTVEGKGEKKIE
LPLLTAYKVASDIVETLRKGIEAGATDASITLEYKDGKITITVKVGKLEKTLTVDLEHHHHHH
;
_entity_poly.pdbx_strand_id   A
#
# COMPACT_ATOMS: atom_id res chain seq x y z
N ILE A 1 -9.41 -5.26 -11.25
CA ILE A 1 -7.95 -5.48 -11.28
C ILE A 1 -7.40 -6.09 -9.96
N LYS A 2 -6.40 -6.98 -10.06
CA LYS A 2 -5.78 -7.61 -8.89
C LYS A 2 -4.26 -7.56 -8.99
N VAL A 3 -3.59 -7.11 -7.94
CA VAL A 3 -2.13 -6.98 -7.93
C VAL A 3 -1.56 -7.70 -6.73
N VAL A 4 -0.50 -8.48 -6.92
CA VAL A 4 0.10 -9.24 -5.84
C VAL A 4 1.60 -9.02 -5.83
N ILE A 5 2.16 -8.69 -4.66
CA ILE A 5 3.61 -8.51 -4.50
C ILE A 5 4.11 -9.59 -3.58
N GLU A 6 5.06 -10.39 -4.06
CA GLU A 6 5.69 -11.42 -3.25
C GLU A 6 7.16 -11.13 -3.05
N GLY A 7 7.67 -11.59 -1.92
CA GLY A 7 9.10 -11.68 -1.81
C GLY A 7 9.51 -11.85 -0.37
N LYS A 8 10.78 -11.52 -0.11
CA LYS A 8 11.29 -11.57 1.24
C LYS A 8 10.51 -10.61 2.13
N ALA A 9 10.20 -11.06 3.36
CA ALA A 9 9.36 -10.27 4.24
C ALA A 9 10.00 -8.91 4.54
N GLU A 10 11.31 -8.88 4.71
CA GLU A 10 11.98 -7.63 5.02
C GLU A 10 11.94 -6.64 3.86
N ASP A 11 12.04 -7.10 2.60
CA ASP A 11 11.99 -6.16 1.48
C ASP A 11 10.64 -5.47 1.38
N LEU A 12 9.54 -6.25 1.49
CA LEU A 12 8.22 -5.65 1.49
C LEU A 12 8.09 -4.68 2.65
N LEU A 13 8.65 -5.04 3.80
CA LEU A 13 8.59 -4.13 4.93
C LEU A 13 9.37 -2.84 4.65
N GLU A 14 10.47 -2.92 3.89
CA GLU A 14 11.22 -1.73 3.52
C GLU A 14 10.43 -0.80 2.59
N GLU A 15 9.88 -1.35 1.49
CA GLU A 15 9.02 -0.56 0.61
C GLU A 15 7.90 0.11 1.41
N MET A 16 7.26 -0.67 2.28
CA MET A 16 6.13 -0.17 3.04
C MET A 16 6.57 0.94 3.99
N GLU A 17 7.73 0.80 4.64
CA GLU A 17 8.13 1.84 5.56
C GLU A 17 8.52 3.11 4.82
N LYS A 18 9.09 3.00 3.62
CA LYS A 18 9.33 4.19 2.81
C LYS A 18 8.02 4.94 2.58
N ILE A 19 6.96 4.21 2.21
CA ILE A 19 5.68 4.88 1.93
C ILE A 19 5.05 5.46 3.21
N LYS A 20 5.09 4.70 4.32
CA LYS A 20 4.51 5.16 5.57
C LYS A 20 5.21 6.41 6.08
N GLU A 21 6.54 6.50 5.87
CA GLU A 21 7.23 7.75 6.18
C GLU A 21 6.77 8.88 5.27
N SER A 22 6.66 8.62 3.96
CA SER A 22 6.25 9.71 3.05
C SER A 22 4.89 10.29 3.43
N LEU A 23 4.07 9.55 4.20
CA LEU A 23 2.86 10.15 4.76
C LEU A 23 2.90 10.47 6.26
N SER A 24 3.90 10.05 7.01
CA SER A 24 4.00 10.44 8.41
C SER A 24 4.90 11.65 8.61
N LYS A 25 5.39 12.26 7.52
CA LYS A 25 5.89 13.63 7.54
C LYS A 25 5.02 14.52 8.40
N PHE A 26 3.73 14.43 8.19
CA PHE A 26 2.71 15.22 8.84
C PHE A 26 2.10 14.40 9.97
N PRO A 27 1.88 14.97 11.14
CA PRO A 27 1.06 14.29 12.14
C PRO A 27 -0.39 14.18 11.66
N GLU A 28 -1.10 13.22 12.27
CA GLU A 28 -2.33 12.68 11.68
C GLU A 28 -3.42 13.73 11.49
N GLU A 29 -3.46 14.75 12.34
CA GLU A 29 -4.52 15.75 12.22
C GLU A 29 -4.31 16.69 11.02
N LYS A 30 -3.05 16.90 10.59
CA LYS A 30 -2.87 17.63 9.34
C LYS A 30 -3.19 16.79 8.12
N LEU A 31 -2.94 15.48 8.18
CA LEU A 31 -3.43 14.60 7.12
C LEU A 31 -4.96 14.68 7.05
N LYS A 32 -5.63 14.85 8.20
CA LYS A 32 -7.08 15.06 8.18
C LYS A 32 -7.44 16.37 7.48
N GLU A 33 -6.80 17.47 7.91
CA GLU A 33 -6.83 18.73 7.17
C GLU A 33 -6.79 18.54 5.66
N LEU A 34 -5.78 17.84 5.15
CA LEU A 34 -5.64 17.67 3.71
C LEU A 34 -6.73 16.80 3.10
N GLU A 35 -7.02 15.65 3.70
CA GLU A 35 -8.02 14.78 3.10
C GLU A 35 -9.36 15.49 3.03
N LYS A 36 -9.55 16.54 3.84
CA LYS A 36 -10.70 17.40 3.62
C LYS A 36 -10.39 18.62 2.75
N LYS A 37 -9.11 18.94 2.50
CA LYS A 37 -8.78 20.01 1.56
C LYS A 37 -8.96 19.61 0.09
N GLY A 38 -9.24 18.33 -0.19
CA GLY A 38 -9.41 17.85 -1.55
C GLY A 38 -8.25 17.04 -2.09
N TYR A 39 -7.20 16.85 -1.31
CA TYR A 39 -5.99 16.21 -1.80
C TYR A 39 -5.91 14.75 -1.33
N LYS A 40 -5.38 13.92 -2.21
CA LYS A 40 -5.48 12.48 -2.17
C LYS A 40 -4.11 11.83 -2.15
N ALA A 41 -4.11 10.52 -2.03
CA ALA A 41 -2.97 9.67 -2.31
C ALA A 41 -3.43 8.61 -3.31
N THR A 42 -2.61 8.35 -4.33
CA THR A 42 -3.04 7.59 -5.51
C THR A 42 -2.15 6.37 -5.76
N ILE A 43 -2.79 5.23 -6.10
CA ILE A 43 -2.10 4.07 -6.65
C ILE A 43 -2.34 4.02 -8.16
N VAL A 44 -1.28 3.77 -8.92
CA VAL A 44 -1.39 3.57 -10.35
C VAL A 44 -0.80 2.22 -10.70
N VAL A 45 -1.65 1.35 -11.25
CA VAL A 45 -1.23 0.02 -11.70
C VAL A 45 -1.13 0.15 -13.22
N LYS A 46 0.05 0.56 -13.68
CA LYS A 46 0.37 0.60 -15.10
C LYS A 46 0.42 -0.83 -15.64
N GLU A 47 -0.27 -1.05 -16.74
CA GLU A 47 -0.42 -2.37 -17.34
C GLU A 47 0.91 -2.94 -17.91
N ASP A 48 2.08 -2.32 -17.75
CA ASP A 48 3.36 -2.96 -18.05
C ASP A 48 3.93 -3.69 -16.83
N GLY A 49 3.12 -3.88 -15.78
CA GLY A 49 3.54 -4.51 -14.54
C GLY A 49 3.92 -3.54 -13.45
N THR A 50 3.76 -2.23 -13.66
CA THR A 50 4.35 -1.24 -12.77
C THR A 50 3.34 -0.77 -11.74
N ILE A 51 3.79 -0.64 -10.49
CA ILE A 51 2.99 -0.03 -9.43
C ILE A 51 3.69 1.26 -9.01
N THR A 52 2.92 2.35 -8.94
CA THR A 52 3.48 3.60 -8.46
C THR A 52 2.53 4.23 -7.46
N VAL A 53 3.09 4.82 -6.42
CA VAL A 53 2.33 5.46 -5.36
C VAL A 53 2.63 6.95 -5.42
N TYR A 54 1.58 7.78 -5.33
CA TYR A 54 1.67 9.23 -5.49
C TYR A 54 1.07 9.95 -4.29
N ASN A 55 1.73 11.01 -3.85
CA ASN A 55 1.21 11.88 -2.79
C ASN A 55 0.91 13.25 -3.40
N GLU A 56 -0.39 13.61 -3.44
CA GLU A 56 -0.91 14.64 -4.33
C GLU A 56 -0.75 16.07 -3.80
N LEU A 57 -0.50 16.26 -2.50
CA LEU A 57 -0.16 17.62 -2.06
C LEU A 57 1.30 17.77 -1.66
N THR A 58 1.98 16.74 -1.16
CA THR A 58 3.44 16.86 -1.10
C THR A 58 4.08 16.42 -2.42
N LYS A 59 3.28 15.87 -3.33
CA LYS A 59 3.63 15.69 -4.75
C LYS A 59 4.90 14.85 -4.91
N GLU A 60 4.78 13.57 -4.52
CA GLU A 60 5.91 12.65 -4.62
C GLU A 60 5.45 11.35 -5.26
N LYS A 61 6.41 10.62 -5.84
CA LYS A 61 6.15 9.30 -6.39
C LYS A 61 7.18 8.33 -5.84
N HIS A 62 6.71 7.13 -5.51
CA HIS A 62 7.62 6.01 -5.33
C HIS A 62 7.04 4.80 -6.04
N THR A 63 7.85 4.22 -6.92
CA THR A 63 7.48 3.10 -7.78
C THR A 63 7.96 1.83 -7.10
N LEU A 64 7.02 0.95 -6.74
CA LEU A 64 7.36 -0.30 -6.05
C LEU A 64 8.40 -1.07 -6.85
N LYS A 65 9.33 -1.71 -6.14
CA LYS A 65 10.43 -2.36 -6.84
C LYS A 65 10.75 -3.79 -6.39
N LYS A 66 10.46 -4.15 -5.15
CA LYS A 66 11.15 -5.26 -4.53
C LYS A 66 10.31 -6.54 -4.56
N GLY A 67 10.94 -7.64 -4.95
CA GLY A 67 10.19 -8.86 -5.17
C GLY A 67 9.41 -8.87 -6.46
N LYS A 68 8.64 -9.94 -6.64
CA LYS A 68 7.95 -10.21 -7.89
C LYS A 68 6.54 -9.65 -7.86
N VAL A 69 6.17 -8.94 -8.91
CA VAL A 69 4.87 -8.27 -8.98
C VAL A 69 4.01 -8.95 -10.04
N THR A 70 2.74 -9.17 -9.72
CA THR A 70 1.78 -9.84 -10.57
C THR A 70 0.55 -8.95 -10.72
N VAL A 71 0.13 -8.71 -11.96
CA VAL A 71 -1.10 -7.98 -12.23
C VAL A 71 -2.00 -8.85 -13.08
N GLU A 72 -3.22 -9.08 -12.61
CA GLU A 72 -4.24 -9.79 -13.35
C GLU A 72 -5.29 -8.75 -13.71
N GLY A 73 -5.53 -8.60 -15.00
CA GLY A 73 -6.38 -7.52 -15.45
C GLY A 73 -5.77 -6.79 -16.64
N LYS A 74 -6.59 -6.06 -17.36
CA LYS A 74 -6.17 -5.38 -18.57
C LYS A 74 -6.43 -3.88 -18.43
N GLY A 75 -5.46 -3.10 -18.86
CA GLY A 75 -5.54 -1.65 -18.70
C GLY A 75 -4.96 -1.21 -17.38
N GLU A 76 -4.43 0.01 -17.36
CA GLU A 76 -3.97 0.55 -16.09
C GLU A 76 -5.17 0.96 -15.24
N LYS A 77 -5.02 0.79 -13.93
CA LYS A 77 -6.05 1.26 -13.01
C LYS A 77 -5.46 2.32 -12.10
N LYS A 78 -6.35 2.96 -11.35
CA LYS A 78 -5.97 4.13 -10.57
C LYS A 78 -6.94 4.27 -9.41
N ILE A 79 -6.42 4.18 -8.19
CA ILE A 79 -7.21 4.27 -6.97
C ILE A 79 -6.81 5.55 -6.25
N GLU A 80 -7.80 6.34 -5.82
CA GLU A 80 -7.54 7.51 -4.98
C GLU A 80 -8.07 7.27 -3.57
N LEU A 81 -7.29 7.69 -2.56
CA LEU A 81 -7.62 7.52 -1.16
C LEU A 81 -7.44 8.83 -0.41
N PRO A 82 -8.30 9.12 0.55
CA PRO A 82 -8.03 10.24 1.47
C PRO A 82 -6.67 10.06 2.15
N LEU A 83 -5.97 11.16 2.38
CA LEU A 83 -4.60 11.06 2.89
C LEU A 83 -4.54 10.37 4.26
N LEU A 84 -5.47 10.69 5.17
CA LEU A 84 -5.48 10.02 6.47
C LEU A 84 -5.83 8.54 6.33
N THR A 85 -6.80 8.23 5.46
CA THR A 85 -7.12 6.83 5.17
C THR A 85 -5.88 6.09 4.68
N ALA A 86 -5.12 6.71 3.78
CA ALA A 86 -3.90 6.08 3.28
C ALA A 86 -2.88 5.87 4.40
N TYR A 87 -2.70 6.88 5.26
CA TYR A 87 -1.74 6.71 6.35
C TYR A 87 -2.14 5.54 7.25
N LYS A 88 -3.43 5.42 7.57
CA LYS A 88 -3.87 4.32 8.41
C LYS A 88 -3.61 2.96 7.75
N VAL A 89 -3.89 2.85 6.46
CA VAL A 89 -3.72 1.57 5.78
C VAL A 89 -2.24 1.18 5.70
N ALA A 90 -1.37 2.15 5.38
CA ALA A 90 0.06 1.88 5.36
C ALA A 90 0.58 1.46 6.73
N SER A 91 0.15 2.15 7.79
CA SER A 91 0.58 1.78 9.13
C SER A 91 0.14 0.35 9.49
N ASP A 92 -1.10 -0.03 9.14
CA ASP A 92 -1.55 -1.40 9.40
C ASP A 92 -0.70 -2.44 8.68
N ILE A 93 -0.36 -2.20 7.40
CA ILE A 93 0.46 -3.17 6.68
C ILE A 93 1.86 -3.30 7.31
N VAL A 94 2.46 -2.17 7.67
CA VAL A 94 3.76 -2.22 8.32
C VAL A 94 3.67 -2.99 9.63
N GLU A 95 2.60 -2.77 10.40
CA GLU A 95 2.44 -3.48 11.68
C GLU A 95 2.33 -4.99 11.49
N THR A 96 1.54 -5.44 10.50
CA THR A 96 1.45 -6.87 10.28
C THR A 96 2.78 -7.44 9.80
N LEU A 97 3.47 -6.75 8.89
CA LEU A 97 4.78 -7.23 8.44
C LEU A 97 5.77 -7.30 9.60
N ARG A 98 5.75 -6.30 10.50
CA ARG A 98 6.62 -6.31 11.67
C ARG A 98 6.29 -7.47 12.60
N LYS A 99 5.00 -7.65 12.92
CA LYS A 99 4.62 -8.78 13.78
C LYS A 99 4.98 -10.11 13.13
N GLY A 100 4.81 -10.23 11.81
CA GLY A 100 5.16 -11.46 11.12
C GLY A 100 6.64 -11.77 11.17
N ILE A 101 7.48 -10.78 10.84
CA ILE A 101 8.92 -11.00 10.88
C ILE A 101 9.38 -11.27 12.31
N GLU A 102 8.80 -10.57 13.29
CA GLU A 102 9.21 -10.73 14.68
C GLU A 102 8.97 -12.16 15.16
N ALA A 103 7.96 -12.83 14.60
CA ALA A 103 7.62 -14.20 14.95
C ALA A 103 8.23 -15.23 13.99
N GLY A 104 9.37 -14.91 13.36
CA GLY A 104 10.13 -15.87 12.56
C GLY A 104 9.77 -15.97 11.09
N ALA A 105 8.83 -15.18 10.59
CA ALA A 105 8.43 -15.30 9.20
C ALA A 105 9.54 -14.78 8.29
N THR A 106 9.73 -15.47 7.16
CA THR A 106 10.78 -15.13 6.21
C THR A 106 10.25 -14.59 4.88
N ASP A 107 9.00 -14.88 4.53
CA ASP A 107 8.43 -14.58 3.22
C ASP A 107 7.06 -13.95 3.37
N ALA A 108 6.84 -12.85 2.66
CA ALA A 108 5.60 -12.10 2.76
C ALA A 108 4.99 -11.89 1.39
N SER A 109 3.70 -11.57 1.39
CA SER A 109 3.01 -11.18 0.18
C SER A 109 1.86 -10.25 0.53
N ILE A 110 1.61 -9.31 -0.37
CA ILE A 110 0.55 -8.31 -0.20
C ILE A 110 -0.31 -8.33 -1.45
N THR A 111 -1.63 -8.53 -1.28
CA THR A 111 -2.58 -8.55 -2.39
C THR A 111 -3.53 -7.37 -2.31
N LEU A 112 -3.68 -6.65 -3.42
CA LEU A 112 -4.63 -5.56 -3.56
C LEU A 112 -5.66 -5.90 -4.63
N GLU A 113 -6.94 -5.91 -4.25
CA GLU A 113 -8.03 -6.13 -5.20
C GLU A 113 -8.87 -4.88 -5.17
N TYR A 114 -8.92 -4.17 -6.29
CA TYR A 114 -9.80 -3.03 -6.43
C TYR A 114 -10.89 -3.39 -7.42
N LYS A 115 -12.13 -3.38 -6.96
CA LYS A 115 -13.30 -3.77 -7.78
C LYS A 115 -14.52 -3.06 -7.21
N ASP A 116 -15.29 -2.42 -8.08
CA ASP A 116 -16.57 -1.83 -7.73
C ASP A 116 -16.43 -0.65 -6.76
N GLY A 117 -15.24 -0.07 -6.63
CA GLY A 117 -14.97 0.94 -5.62
C GLY A 117 -14.53 0.38 -4.28
N LYS A 118 -14.71 -0.92 -4.05
CA LYS A 118 -14.15 -1.56 -2.88
C LYS A 118 -12.68 -1.90 -3.13
N ILE A 119 -11.84 -1.44 -2.22
CA ILE A 119 -10.42 -1.78 -2.21
C ILE A 119 -10.20 -2.72 -1.04
N THR A 120 -9.54 -3.87 -1.31
CA THR A 120 -9.26 -4.92 -0.33
C THR A 120 -7.78 -5.29 -0.37
N ILE A 121 -7.10 -5.22 0.78
CA ILE A 121 -5.69 -5.56 0.91
C ILE A 121 -5.57 -6.78 1.80
N THR A 122 -4.70 -7.72 1.44
CA THR A 122 -4.39 -8.86 2.28
C THR A 122 -2.88 -8.96 2.49
N VAL A 123 -2.45 -8.96 3.75
CA VAL A 123 -1.05 -9.13 4.09
C VAL A 123 -0.89 -10.52 4.66
N LYS A 124 -0.02 -11.31 4.05
CA LYS A 124 0.31 -12.67 4.50
C LYS A 124 1.79 -12.69 4.84
N VAL A 125 2.12 -12.90 6.11
CA VAL A 125 3.52 -12.99 6.53
C VAL A 125 3.63 -14.31 7.27
N GLY A 126 4.12 -15.34 6.57
CA GLY A 126 4.06 -16.70 7.08
C GLY A 126 2.66 -17.08 7.54
N LYS A 127 2.55 -17.27 8.84
CA LYS A 127 1.33 -17.72 9.51
C LYS A 127 0.33 -16.59 9.78
N LEU A 128 0.72 -15.33 9.59
CA LEU A 128 -0.15 -14.19 9.83
C LEU A 128 -0.93 -13.80 8.57
N GLU A 129 -2.20 -13.45 8.76
CA GLU A 129 -3.02 -12.86 7.71
C GLU A 129 -3.92 -11.75 8.23
N LYS A 130 -3.74 -10.55 7.70
CA LYS A 130 -4.67 -9.47 7.97
C LYS A 130 -5.33 -9.06 6.66
N THR A 131 -6.61 -8.67 6.75
CA THR A 131 -7.37 -8.17 5.60
C THR A 131 -7.95 -6.80 5.95
N LEU A 132 -7.82 -5.84 5.02
CA LEU A 132 -8.38 -4.50 5.13
C LEU A 132 -9.31 -4.26 3.96
N THR A 133 -10.40 -3.51 4.20
CA THR A 133 -11.27 -3.03 3.13
C THR A 133 -11.66 -1.58 3.39
N VAL A 134 -11.79 -0.81 2.29
CA VAL A 134 -12.15 0.62 2.29
C VAL A 134 -12.95 0.91 1.01
N ASP A 135 -13.56 2.12 0.95
CA ASP A 135 -14.24 2.66 -0.27
C ASP A 135 -13.57 3.73 -1.16
#